data_6GBI
#
_entry.id   6GBI
#
_cell.length_a   61.980
_cell.length_b   61.980
_cell.length_c   68.550
_cell.angle_alpha   90.000
_cell.angle_beta   90.000
_cell.angle_gamma   90.000
#
_symmetry.space_group_name_H-M   'P 41 21 2'
#
loop_
_entity.id
_entity.type
_entity.pdbx_description
1 polymer 'Ly6/PLAUR domain-containing protein 6'
2 non-polymer 2-acetamido-2-deoxy-beta-D-glucopyranose
3 non-polymer GLYCEROL
4 non-polymer 'SULFATE ION'
5 water water
#
_entity_poly.entity_id   1
_entity_poly.type   'polypeptide(L)'
_entity_poly.pdbx_seq_one_letter_code
;ETGFKCFTCEKAADNYECNRWAPDIYCPRETRYCYTQHTMEVTGNSISVTKRCVPLEECLSTGCRDSEHEGHKVCTSCCE
GNICNLPLPRNETDATFAGTLEVL
;
_entity_poly.pdbx_strand_id   A
#
loop_
_chem_comp.id
_chem_comp.type
_chem_comp.name
_chem_comp.formula
GOL non-polymer GLYCEROL 'C3 H8 O3'
NAG D-saccharide, beta linking 2-acetamido-2-deoxy-beta-D-glucopyranose 'C8 H15 N O6'
SO4 non-polymer 'SULFATE ION' 'O4 S -2'
#
# COMPACT_ATOMS: atom_id res chain seq x y z
N GLU A 1 -2.21 18.09 9.96
CA GLU A 1 -3.13 17.01 9.49
C GLU A 1 -4.26 16.77 10.49
N THR A 2 -5.45 16.47 9.98
CA THR A 2 -6.58 16.14 10.83
C THR A 2 -6.79 14.63 10.75
N GLY A 3 -6.64 13.97 11.90
CA GLY A 3 -6.88 12.53 12.01
C GLY A 3 -5.96 11.64 11.20
N PHE A 4 -6.49 10.46 10.86
CA PHE A 4 -5.76 9.41 10.16
C PHE A 4 -6.65 8.86 9.05
N LYS A 5 -6.14 8.83 7.83
CA LYS A 5 -6.93 8.43 6.65
C LYS A 5 -6.02 7.82 5.61
N CYS A 6 -6.48 6.75 4.96
CA CYS A 6 -5.73 6.07 3.92
C CYS A 6 -6.60 5.76 2.72
N PHE A 7 -5.96 5.58 1.57
CA PHE A 7 -6.60 4.84 0.48
C PHE A 7 -6.79 3.40 0.96
N THR A 8 -7.96 2.84 0.72
CA THR A 8 -8.26 1.48 1.14
C THR A 8 -8.98 0.72 0.04
N CYS A 9 -8.61 -0.55 -0.12
CA CYS A 9 -9.24 -1.45 -1.09
C CYS A 9 -8.79 -2.88 -0.77
N GLU A 10 -9.63 -3.85 -1.13
CA GLU A 10 -9.31 -5.27 -0.94
C GLU A 10 -9.29 -5.97 -2.30
N LYS A 11 -8.10 -6.40 -2.71
CA LYS A 11 -7.89 -7.19 -3.93
C LYS A 11 -8.44 -6.50 -5.19
N ALA A 12 -8.13 -5.21 -5.33
CA ALA A 12 -8.40 -4.48 -6.56
C ALA A 12 -7.45 -4.95 -7.66
N ALA A 13 -7.85 -4.78 -8.91
CA ALA A 13 -7.06 -5.25 -10.05
C ALA A 13 -5.79 -4.44 -10.29
N ASP A 14 -5.84 -3.15 -9.95
CA ASP A 14 -4.72 -2.23 -10.20
C ASP A 14 -4.88 -0.99 -9.33
N ASN A 15 -3.92 -0.06 -9.43
CA ASN A 15 -3.96 1.14 -8.61
C ASN A 15 -5.16 2.04 -8.92
N TYR A 16 -5.54 2.12 -10.19
CA TYR A 16 -6.68 2.93 -10.59
C TYR A 16 -7.95 2.46 -9.89
N GLU A 17 -8.23 1.15 -9.97
CA GLU A 17 -9.42 0.58 -9.35
CA GLU A 17 -9.42 0.58 -9.35
C GLU A 17 -9.40 0.79 -7.85
N CYS A 18 -8.23 0.56 -7.24
CA CYS A 18 -8.09 0.74 -5.80
C CYS A 18 -8.45 2.16 -5.37
N ASN A 19 -7.80 3.13 -5.99
CA ASN A 19 -7.88 4.53 -5.54
C ASN A 19 -9.17 5.23 -5.96
N ARG A 20 -9.65 4.95 -7.18
CA ARG A 20 -10.86 5.60 -7.70
C ARG A 20 -12.14 5.31 -6.90
N TRP A 21 -12.19 4.07 -6.35
CA TRP A 21 -13.32 3.62 -5.55
C TRP A 21 -13.02 3.56 -4.05
N ALA A 22 -11.86 4.06 -3.62
CA ALA A 22 -11.53 4.11 -2.20
C ALA A 22 -12.49 5.06 -1.48
N PRO A 23 -13.08 4.61 -0.35
CA PRO A 23 -14.02 5.49 0.35
C PRO A 23 -13.32 6.65 1.06
N ASP A 24 -13.95 7.83 1.03
CA ASP A 24 -13.39 9.01 1.68
C ASP A 24 -13.82 9.00 3.15
N ILE A 25 -13.15 8.15 3.93
CA ILE A 25 -13.48 7.95 5.34
C ILE A 25 -12.19 7.85 6.13
N TYR A 26 -12.26 8.20 7.42
CA TYR A 26 -11.11 8.09 8.29
C TYR A 26 -10.82 6.64 8.65
N CYS A 27 -9.60 6.39 9.10
CA CYS A 27 -9.18 5.07 9.52
C CYS A 27 -9.95 4.58 10.75
N PRO A 28 -10.06 3.24 10.92
CA PRO A 28 -10.55 2.71 12.19
C PRO A 28 -9.66 3.19 13.34
N ARG A 29 -10.23 3.29 14.54
CA ARG A 29 -9.44 3.71 15.69
C ARG A 29 -8.37 2.65 15.96
N GLU A 30 -7.27 3.10 16.58
CA GLU A 30 -6.11 2.25 16.90
C GLU A 30 -5.34 1.78 15.66
N THR A 31 -5.46 2.50 14.55
CA THR A 31 -4.55 2.36 13.42
C THR A 31 -3.87 3.71 13.22
N ARG A 32 -2.64 3.66 12.71
CA ARG A 32 -1.81 4.87 12.58
C ARG A 32 -1.09 5.04 11.25
N TYR A 33 -1.06 3.99 10.42
CA TYR A 33 -0.26 3.97 9.19
C TYR A 33 -1.08 3.41 8.03
N CYS A 34 -0.63 3.72 6.83
CA CYS A 34 -1.26 3.23 5.62
C CYS A 34 -0.42 2.14 4.99
N TYR A 35 -1.05 1.02 4.68
CA TYR A 35 -0.42 -0.20 4.20
C TYR A 35 -0.79 -0.40 2.75
N THR A 36 0.17 -0.88 1.95
CA THR A 36 -0.08 -1.24 0.56
C THR A 36 0.62 -2.56 0.25
N GLN A 37 -0.13 -3.50 -0.34
CA GLN A 37 0.47 -4.71 -0.89
C GLN A 37 0.09 -4.83 -2.35
N HIS A 38 1.11 -5.04 -3.18
CA HIS A 38 0.99 -5.05 -4.63
C HIS A 38 1.55 -6.37 -5.14
N THR A 39 0.65 -7.22 -5.66
CA THR A 39 1.04 -8.45 -6.32
C THR A 39 1.11 -8.14 -7.80
N MET A 40 2.23 -8.50 -8.42
CA MET A 40 2.49 -8.13 -9.80
C MET A 40 3.28 -9.22 -10.50
N GLU A 41 3.20 -9.21 -11.83
CA GLU A 41 4.09 -10.03 -12.63
C GLU A 41 5.47 -9.40 -12.50
N VAL A 42 6.50 -10.23 -12.45
CA VAL A 42 7.89 -9.74 -12.37
C VAL A 42 8.21 -8.82 -13.56
N THR A 43 7.58 -9.08 -14.71
CA THR A 43 7.69 -8.24 -15.90
C THR A 43 7.01 -6.87 -15.79
N GLY A 44 6.09 -6.69 -14.84
CA GLY A 44 5.57 -5.35 -14.50
C GLY A 44 4.08 -5.20 -14.24
N ASN A 45 3.24 -6.02 -14.88
CA ASN A 45 1.78 -5.84 -14.82
C ASN A 45 1.21 -6.14 -13.43
N SER A 46 0.31 -5.28 -12.97
CA SER A 46 -0.38 -5.47 -11.70
C SER A 46 -1.34 -6.66 -11.78
N ILE A 47 -1.37 -7.44 -10.70
CA ILE A 47 -2.30 -8.57 -10.54
C ILE A 47 -3.34 -8.26 -9.47
N SER A 48 -2.89 -7.77 -8.32
CA SER A 48 -3.78 -7.48 -7.20
C SER A 48 -3.20 -6.36 -6.34
N VAL A 49 -4.08 -5.54 -5.78
CA VAL A 49 -3.71 -4.44 -4.90
C VAL A 49 -4.60 -4.49 -3.66
N THR A 50 -3.99 -4.39 -2.49
CA THR A 50 -4.71 -4.26 -1.23
C THR A 50 -4.11 -3.09 -0.46
N LYS A 51 -4.97 -2.21 0.03
CA LYS A 51 -4.56 -1.05 0.82
C LYS A 51 -5.42 -0.97 2.08
N ARG A 52 -4.78 -0.69 3.21
CA ARG A 52 -5.45 -0.73 4.51
C ARG A 52 -4.89 0.33 5.46
N CYS A 53 -5.72 0.73 6.41
CA CYS A 53 -5.26 1.40 7.62
C CYS A 53 -4.79 0.32 8.59
N VAL A 54 -3.61 0.47 9.18
CA VAL A 54 -3.04 -0.57 10.03
C VAL A 54 -2.30 -0.02 11.24
N PRO A 55 -2.16 -0.86 12.29
CA PRO A 55 -1.23 -0.56 13.36
C PRO A 55 0.20 -0.90 12.94
N LEU A 56 1.16 -0.48 13.77
CA LEU A 56 2.59 -0.69 13.52
C LEU A 56 2.96 -2.12 13.13
N GLU A 57 2.35 -3.08 13.81
CA GLU A 57 2.70 -4.50 13.67
C GLU A 57 2.51 -5.09 12.27
N GLU A 58 1.66 -4.44 11.47
CA GLU A 58 1.46 -4.85 10.08
C GLU A 58 2.47 -4.25 9.10
N CYS A 59 3.37 -3.40 9.59
CA CYS A 59 4.32 -2.66 8.75
C CYS A 59 5.76 -3.08 8.98
N LEU A 60 5.97 -4.26 9.57
CA LEU A 60 7.30 -4.75 9.91
C LEU A 60 7.83 -5.82 8.94
N SER A 61 7.14 -6.00 7.81
CA SER A 61 7.59 -6.96 6.79
C SER A 61 7.40 -6.37 5.40
N THR A 62 8.13 -5.30 5.13
CA THR A 62 8.04 -4.59 3.86
C THR A 62 9.15 -5.05 2.91
N GLY A 63 8.95 -4.79 1.62
CA GLY A 63 9.91 -5.18 0.59
C GLY A 63 9.21 -5.93 -0.52
N CYS A 64 9.99 -6.38 -1.51
CA CYS A 64 9.47 -7.20 -2.60
C CYS A 64 10.03 -8.61 -2.44
N ARG A 65 9.12 -9.57 -2.36
CA ARG A 65 9.47 -10.98 -2.20
C ARG A 65 8.97 -11.76 -3.39
N ASP A 66 9.58 -12.91 -3.62
CA ASP A 66 9.07 -13.84 -4.63
C ASP A 66 7.81 -14.51 -4.10
N SER A 67 6.85 -14.72 -4.98
CA SER A 67 5.65 -15.50 -4.68
C SER A 67 5.96 -16.98 -4.88
N GLU A 68 5.17 -17.83 -4.24
CA GLU A 68 5.15 -19.27 -4.55
C GLU A 68 4.78 -19.47 -6.02
N HIS A 69 3.86 -18.63 -6.49
CA HIS A 69 3.44 -18.60 -7.89
C HIS A 69 4.60 -18.08 -8.76
N GLU A 70 5.12 -18.95 -9.63
CA GLU A 70 6.22 -18.60 -10.54
C GLU A 70 5.88 -17.37 -11.38
N GLY A 71 6.83 -16.44 -11.47
CA GLY A 71 6.68 -15.24 -12.27
C GLY A 71 5.98 -14.06 -11.60
N HIS A 72 5.55 -14.24 -10.34
CA HIS A 72 4.89 -13.19 -9.57
C HIS A 72 5.83 -12.73 -8.46
N LYS A 73 5.74 -11.45 -8.11
CA LYS A 73 6.34 -10.94 -6.89
C LYS A 73 5.31 -10.13 -6.13
N VAL A 74 5.56 -9.99 -4.83
CA VAL A 74 4.65 -9.29 -3.93
C VAL A 74 5.46 -8.20 -3.25
N CYS A 75 5.07 -6.94 -3.47
CA CYS A 75 5.74 -5.78 -2.88
C CYS A 75 4.84 -5.14 -1.84
N THR A 76 5.38 -4.93 -0.65
CA THR A 76 4.62 -4.36 0.46
C THR A 76 5.31 -3.12 0.98
N SER A 77 4.53 -2.07 1.20
CA SER A 77 5.01 -0.82 1.78
C SER A 77 4.07 -0.36 2.87
N CYS A 78 4.56 0.58 3.67
CA CYS A 78 3.72 1.32 4.59
C CYS A 78 4.17 2.75 4.59
N CYS A 79 3.28 3.65 4.95
CA CYS A 79 3.66 5.04 5.08
C CYS A 79 2.94 5.72 6.22
N GLU A 80 3.54 6.82 6.66
CA GLU A 80 2.92 7.72 7.60
C GLU A 80 2.50 8.98 6.86
N GLY A 81 1.30 9.47 7.18
CA GLY A 81 0.78 10.71 6.60
C GLY A 81 -0.61 10.51 6.03
N ASN A 82 -1.40 11.57 6.04
CA ASN A 82 -2.77 11.56 5.55
C ASN A 82 -2.79 11.13 4.09
N ILE A 83 -3.61 10.11 3.80
CA ILE A 83 -3.72 9.48 2.47
C ILE A 83 -2.37 9.31 1.76
N CYS A 84 -1.36 8.90 2.52
CA CYS A 84 -0.01 8.81 1.98
C CYS A 84 0.19 7.69 0.96
N ASN A 85 -0.70 6.69 0.98
CA ASN A 85 -0.52 5.49 0.15
C ASN A 85 -1.21 5.56 -1.23
N LEU A 86 -1.06 6.69 -1.91
CA LEU A 86 -1.57 6.84 -3.28
C LEU A 86 -0.81 5.96 -4.28
N PRO A 87 0.54 5.96 -4.26
CA PRO A 87 1.28 5.13 -5.23
C PRO A 87 1.23 3.63 -4.92
N LEU A 88 1.88 2.84 -5.77
CA LEU A 88 2.15 1.44 -5.51
C LEU A 88 3.65 1.20 -5.41
N PRO A 89 4.08 0.31 -4.50
CA PRO A 89 5.47 -0.12 -4.51
C PRO A 89 5.72 -1.13 -5.64
N ARG A 90 6.84 -0.99 -6.33
CA ARG A 90 7.20 -1.88 -7.44
C ARG A 90 8.58 -2.53 -7.35
N ASN A 91 9.44 -2.05 -6.45
CA ASN A 91 10.81 -2.54 -6.32
C ASN A 91 11.21 -2.49 -4.86
N GLU A 92 12.33 -3.13 -4.52
CA GLU A 92 12.77 -3.19 -3.13
C GLU A 92 12.94 -1.79 -2.52
N THR A 93 13.42 -0.84 -3.32
CA THR A 93 13.69 0.52 -2.83
C THR A 93 12.44 1.20 -2.26
N ASP A 94 11.35 1.20 -3.01
CA ASP A 94 10.12 1.87 -2.57
C ASP A 94 9.18 0.95 -1.76
N ALA A 95 9.49 -0.34 -1.69
CA ALA A 95 8.72 -1.26 -0.86
C ALA A 95 9.29 -1.22 0.55
N THR A 96 8.91 -0.18 1.29
CA THR A 96 9.50 0.14 2.57
C THR A 96 8.49 0.89 3.43
N PHE A 97 8.83 1.10 4.69
CA PHE A 97 8.04 1.91 5.62
C PHE A 97 8.69 3.29 5.67
N ALA A 98 8.00 4.30 5.14
CA ALA A 98 8.58 5.63 4.97
C ALA A 98 7.55 6.73 5.11
N GLY A 99 8.03 7.95 5.25
CA GLY A 99 7.19 9.15 5.11
C GLY A 99 7.26 9.65 3.68
N THR A 100 6.65 10.80 3.44
CA THR A 100 6.64 11.43 2.11
C THR A 100 7.45 12.72 2.11
N LEU A 101 7.74 13.20 0.91
CA LEU A 101 8.37 14.51 0.71
C LEU A 101 7.36 15.68 0.57
N GLU A 102 6.11 15.48 1.01
CA GLU A 102 5.11 16.56 1.00
C GLU A 102 5.62 17.79 1.73
N VAL A 103 6.16 17.56 2.93
CA VAL A 103 6.74 18.62 3.75
C VAL A 103 8.23 18.36 3.92
N LEU A 104 9.05 19.21 3.31
CA LEU A 104 10.50 19.08 3.36
C LEU A 104 11.07 19.63 4.68
C1 NAG B . 11.92 -3.14 -10.64
C2 NAG B . 13.05 -4.02 -11.16
C3 NAG B . 13.01 -4.07 -12.69
C4 NAG B . 11.62 -4.49 -13.16
C5 NAG B . 10.50 -3.75 -12.44
C6 NAG B . 9.13 -4.37 -12.74
C7 NAG B . 14.90 -2.38 -10.77
C8 NAG B . 16.26 -2.22 -10.18
N2 NAG B . 14.38 -3.61 -10.67
O3 NAG B . 13.98 -5.00 -13.16
O4 NAG B . 11.51 -4.23 -14.57
O5 NAG B . 10.70 -3.75 -11.01
O6 NAG B . 8.90 -4.38 -14.15
O7 NAG B . 14.33 -1.42 -11.30
C1 GOL C . -13.76 4.89 11.58
O1 GOL C . -15.04 4.25 11.45
C2 GOL C . -13.77 6.24 10.87
O2 GOL C . -14.10 6.06 9.49
C3 GOL C . -14.81 7.17 11.47
O3 GOL C . -14.62 8.51 10.98
C1 GOL D . -0.20 2.65 -12.35
O1 GOL D . -0.19 1.69 -11.30
C2 GOL D . -0.94 3.92 -11.93
O2 GOL D . -2.35 3.66 -11.88
C3 GOL D . -0.44 4.40 -10.55
O3 GOL D . -1.15 5.56 -10.11
S SO4 E . 13.10 -6.02 -6.96
O1 SO4 E . 13.34 -4.56 -6.79
O2 SO4 E . 14.07 -6.79 -6.17
O3 SO4 E . 11.72 -6.34 -6.55
O4 SO4 E . 13.26 -6.36 -8.40
S SO4 F . 2.58 -16.33 -2.18
O1 SO4 F . 2.58 -15.05 -2.92
O2 SO4 F . 3.96 -16.78 -1.93
O3 SO4 F . 1.88 -16.15 -0.88
O4 SO4 F . 1.86 -17.36 -2.98
#